data_6LU4
#
_entry.id   6LU4
#
_cell.length_a   51.083
_cell.length_b   77.170
_cell.length_c   121.350
_cell.angle_alpha   90.000
_cell.angle_beta   90.000
_cell.angle_gamma   90.000
#
_symmetry.space_group_name_H-M   'P 21 21 21'
#
loop_
_entity.id
_entity.type
_entity.pdbx_description
1 polymer 'Substrate binding protein'
2 non-polymer 'propyl 4-hydroxybenzoate'
3 water water
#
_entity_poly.entity_id   1
_entity_poly.type   'polypeptide(L)'
_entity_poly.pdbx_seq_one_letter_code
;MGSSHHHHHHSSGLVPRGSHMASMDSEPSTTSTVRVGFDTPQSLSPFNALALPDYQTARLSYDTLVRRDAGGVVPGLAAS
WTGDAAQLTFTIRDGATCSDGTEITPTVVADSLSAFAKNAGPSTVVDTFGGLNPAITADDAAGTVMITPEAPWADLLAAL
SVASTGIVCPAGLANLDGLNTGSVEGAESGPYVLSEVEPGVRYTYELRDDYDSWPEWETTLEGEIPKTIEYTVVKDPSAS
ANQILSGQLDLGRIMPDSRSRFSDSQLVSNPFGNFYLVFNEREGAVFADEKNREAVAQVLDRDAFDQTTTDGTGELTDTF
GSKATQCATAAPRPALTALDESAAAETLAGVKIRLLGAQVVGAAGAGNTYLEAALREAGADVTLENVDIGTWAGRVFGQP
ESYDLTVFPDLNFTGTLTSGISRFTGPDLLQNGGNISGAVSETANALAQQARTATTPEQKCAADAEAVAALVAEHHTVPL
LVESFIYAKRDGFSVTMLGGSLDDHLFRITK
;
_entity_poly.pdbx_strand_id   A
#
# COMPACT_ATOMS: atom_id res chain seq x y z
N THR A 30 23.58 20.27 14.60
CA THR A 30 24.05 18.86 14.70
C THR A 30 23.10 18.09 15.63
N THR A 31 21.93 17.72 15.12
CA THR A 31 20.93 16.93 15.88
C THR A 31 20.98 15.50 15.38
N SER A 32 20.36 14.59 16.13
CA SER A 32 20.24 13.16 15.74
C SER A 32 18.75 12.79 15.64
N THR A 33 17.87 13.79 15.81
CA THR A 33 16.42 13.62 15.83
C THR A 33 15.77 14.25 14.58
N VAL A 34 14.87 13.48 13.96
CA VAL A 34 14.03 13.90 12.80
C VAL A 34 12.57 13.77 13.23
N ARG A 35 11.78 14.83 13.04
CA ARG A 35 10.34 14.88 13.40
C ARG A 35 9.52 14.82 12.11
N VAL A 36 8.92 13.65 11.85
CA VAL A 36 8.23 13.33 10.56
C VAL A 36 6.72 13.39 10.79
N GLY A 37 6.02 14.23 10.01
CA GLY A 37 4.55 14.21 9.91
C GLY A 37 4.04 12.91 9.31
N PHE A 38 2.93 12.39 9.79
CA PHE A 38 2.26 11.22 9.15
C PHE A 38 0.85 11.07 9.71
N ASP A 39 0.07 10.17 9.10
CA ASP A 39 -1.33 9.90 9.48
C ASP A 39 -1.35 8.92 10.65
N THR A 40 -2.47 8.84 11.35
CA THR A 40 -2.62 7.97 12.55
C THR A 40 -2.61 6.52 12.10
N PRO A 41 -1.76 5.66 12.69
CA PRO A 41 -1.81 4.23 12.42
C PRO A 41 -3.10 3.62 12.96
N GLN A 42 -3.60 2.57 12.30
CA GLN A 42 -4.70 1.73 12.83
C GLN A 42 -4.11 0.48 13.49
N SER A 43 -2.79 0.24 13.34
CA SER A 43 -2.06 -0.85 14.05
C SER A 43 -0.54 -0.69 13.91
N LEU A 44 0.17 -1.11 14.94
CA LEU A 44 1.66 -1.13 14.98
C LEU A 44 2.17 -2.57 14.79
N SER A 45 1.26 -3.52 14.56
CA SER A 45 1.60 -4.95 14.29
C SER A 45 1.71 -5.16 12.78
N PRO A 46 2.85 -5.65 12.27
CA PRO A 46 3.02 -5.89 10.84
C PRO A 46 1.89 -6.76 10.25
N PHE A 47 1.40 -7.70 11.05
CA PHE A 47 0.35 -8.65 10.66
C PHE A 47 -0.96 -7.91 10.39
N ASN A 48 -1.28 -6.88 11.17
CA ASN A 48 -2.56 -6.12 11.02
C ASN A 48 -2.38 -4.86 10.15
N ALA A 49 -1.25 -4.69 9.47
CA ALA A 49 -0.95 -3.48 8.67
C ALA A 49 -1.93 -3.43 7.48
N LEU A 50 -2.58 -2.27 7.26
CA LEU A 50 -3.51 -2.03 6.12
C LEU A 50 -3.26 -0.66 5.47
N ALA A 51 -2.92 0.34 6.27
CA ALA A 51 -2.77 1.77 5.88
C ALA A 51 -1.30 2.21 5.96
N LEU A 52 -0.90 3.18 5.13
CA LEU A 52 0.52 3.62 4.99
C LEU A 52 1.17 3.81 6.37
N PRO A 53 0.55 4.56 7.31
CA PRO A 53 1.16 4.74 8.64
C PRO A 53 1.50 3.42 9.36
N ASP A 54 0.69 2.37 9.17
CA ASP A 54 0.99 1.02 9.70
C ASP A 54 2.35 0.56 9.15
N TYR A 55 2.57 0.72 7.84
CA TYR A 55 3.79 0.23 7.14
C TYR A 55 5.00 1.08 7.54
N GLN A 56 4.81 2.40 7.57
CA GLN A 56 5.85 3.38 7.99
C GLN A 56 6.44 2.98 9.35
N THR A 57 5.59 2.61 10.33
CA THR A 57 6.05 2.22 11.69
C THR A 57 6.68 0.82 11.65
N ALA A 58 5.99 -0.14 11.04
CA ALA A 58 6.48 -1.51 10.76
C ALA A 58 7.88 -1.48 10.12
N ARG A 59 8.16 -0.47 9.29
CA ARG A 59 9.43 -0.34 8.53
C ARG A 59 10.59 -0.12 9.51
N LEU A 60 10.39 0.72 10.53
CA LEU A 60 11.44 1.08 11.52
C LEU A 60 11.72 -0.10 12.46
N SER A 61 10.67 -0.80 12.91
CA SER A 61 10.70 -1.79 14.02
C SER A 61 11.11 -3.18 13.52
N TYR A 62 10.91 -3.49 12.24
CA TYR A 62 11.12 -4.86 11.67
C TYR A 62 11.79 -4.79 10.29
N ASP A 63 12.67 -5.76 10.03
CA ASP A 63 13.45 -5.95 8.77
C ASP A 63 12.74 -6.97 7.86
N THR A 64 12.64 -6.67 6.56
CA THR A 64 12.12 -7.60 5.53
C THR A 64 13.30 -8.35 4.90
N LEU A 65 13.02 -9.51 4.30
CA LEU A 65 14.04 -10.39 3.65
C LEU A 65 14.74 -9.60 2.52
N VAL A 66 13.98 -8.81 1.77
CA VAL A 66 14.53 -8.02 0.63
C VAL A 66 14.03 -6.58 0.73
N ARG A 67 14.71 -5.67 0.05
CA ARG A 67 14.34 -4.23 0.03
C ARG A 67 14.39 -3.72 -1.40
N ARG A 68 13.72 -2.59 -1.64
CA ARG A 68 13.58 -2.05 -3.01
C ARG A 68 14.73 -1.12 -3.34
N ASP A 69 15.10 -1.12 -4.61
CA ASP A 69 16.13 -0.22 -5.18
C ASP A 69 15.95 -0.22 -6.70
N ALA A 70 16.67 0.66 -7.39
CA ALA A 70 16.58 0.81 -8.86
C ALA A 70 16.87 -0.55 -9.52
N GLY A 71 16.01 -0.96 -10.46
CA GLY A 71 16.16 -2.19 -11.23
C GLY A 71 15.65 -3.43 -10.50
N GLY A 72 15.01 -3.25 -9.34
CA GLY A 72 14.34 -4.35 -8.63
C GLY A 72 14.62 -4.35 -7.13
N VAL A 73 14.97 -5.51 -6.57
CA VAL A 73 15.05 -5.76 -5.10
C VAL A 73 16.49 -6.09 -4.71
N VAL A 74 16.95 -5.57 -3.56
CA VAL A 74 18.32 -5.81 -3.03
C VAL A 74 18.22 -6.65 -1.76
N PRO A 75 19.24 -7.46 -1.42
CA PRO A 75 19.26 -8.20 -0.16
C PRO A 75 19.12 -7.32 1.09
N GLY A 76 18.21 -7.71 1.97
CA GLY A 76 18.01 -7.11 3.30
C GLY A 76 18.46 -8.07 4.38
N LEU A 77 17.50 -8.65 5.12
CA LEU A 77 17.77 -9.70 6.13
C LEU A 77 18.18 -11.02 5.44
N ALA A 78 17.81 -11.23 4.17
CA ALA A 78 18.25 -12.38 3.33
C ALA A 78 19.38 -11.93 2.40
N ALA A 79 20.55 -12.57 2.53
CA ALA A 79 21.81 -12.18 1.84
C ALA A 79 21.72 -12.53 0.35
N SER A 80 21.06 -13.65 0.01
CA SER A 80 20.62 -13.94 -1.38
C SER A 80 19.45 -14.94 -1.37
N TRP A 81 18.85 -15.08 -2.54
CA TRP A 81 17.67 -15.93 -2.82
C TRP A 81 17.83 -16.54 -4.21
N THR A 82 17.14 -17.64 -4.44
CA THR A 82 17.13 -18.38 -5.72
C THR A 82 15.72 -18.95 -5.88
N GLY A 83 15.19 -19.01 -7.11
CA GLY A 83 13.85 -19.58 -7.28
C GLY A 83 13.07 -18.95 -8.41
N ASP A 84 11.90 -19.56 -8.64
CA ASP A 84 10.94 -19.25 -9.70
C ASP A 84 9.73 -18.55 -9.06
N ALA A 85 8.62 -18.53 -9.77
CA ALA A 85 7.32 -18.07 -9.26
C ALA A 85 6.62 -19.23 -8.56
N ALA A 86 7.10 -20.46 -8.78
CA ALA A 86 6.58 -21.70 -8.16
C ALA A 86 7.14 -21.86 -6.75
N GLN A 87 8.34 -21.32 -6.52
CA GLN A 87 9.10 -21.54 -5.26
C GLN A 87 10.34 -20.65 -5.21
N LEU A 88 10.54 -19.97 -4.08
CA LEU A 88 11.79 -19.24 -3.74
C LEU A 88 12.42 -19.92 -2.52
N THR A 89 13.75 -19.98 -2.51
CA THR A 89 14.59 -20.29 -1.32
C THR A 89 15.39 -19.05 -0.98
N PHE A 90 15.32 -18.60 0.28
CA PHE A 90 16.14 -17.48 0.80
C PHE A 90 17.21 -18.05 1.72
N THR A 91 18.38 -17.45 1.67
CA THR A 91 19.47 -17.78 2.60
C THR A 91 19.59 -16.59 3.55
N ILE A 92 19.41 -16.82 4.85
CA ILE A 92 19.44 -15.75 5.88
C ILE A 92 20.87 -15.25 6.02
N ARG A 93 21.03 -13.96 6.33
CA ARG A 93 22.36 -13.33 6.46
C ARG A 93 22.89 -13.58 7.88
N ASP A 94 24.21 -13.47 8.04
CA ASP A 94 24.91 -13.65 9.34
C ASP A 94 24.89 -12.34 10.12
N GLY A 95 25.00 -12.43 11.46
CA GLY A 95 25.14 -11.28 12.38
C GLY A 95 23.84 -10.55 12.55
N ALA A 96 22.73 -11.22 12.25
CA ALA A 96 21.38 -10.63 12.34
C ALA A 96 20.75 -11.10 13.65
N THR A 97 20.06 -10.19 14.34
CA THR A 97 19.82 -10.29 15.79
C THR A 97 18.58 -9.47 16.16
N CYS A 98 17.83 -9.89 17.17
CA CYS A 98 16.61 -9.21 17.67
C CYS A 98 17.00 -8.19 18.74
N SER A 99 16.05 -7.36 19.17
CA SER A 99 16.30 -6.30 20.18
C SER A 99 16.65 -6.92 21.55
N ASP A 100 16.41 -8.24 21.74
CA ASP A 100 16.80 -8.94 23.00
C ASP A 100 18.15 -9.65 22.82
N GLY A 101 18.55 -9.98 21.59
CA GLY A 101 19.86 -10.61 21.29
C GLY A 101 19.72 -11.90 20.51
N THR A 102 18.53 -12.51 20.47
CA THR A 102 18.29 -13.82 19.81
C THR A 102 18.85 -13.77 18.38
N GLU A 103 19.68 -14.76 18.01
CA GLU A 103 20.18 -14.91 16.62
C GLU A 103 18.98 -15.11 15.69
N ILE A 104 18.88 -14.30 14.64
CA ILE A 104 17.82 -14.43 13.61
C ILE A 104 18.20 -15.61 12.71
N THR A 105 17.62 -16.77 12.98
CA THR A 105 17.80 -18.03 12.21
C THR A 105 16.63 -18.24 11.27
N PRO A 106 16.76 -19.18 10.31
CA PRO A 106 15.64 -19.58 9.46
C PRO A 106 14.35 -19.95 10.22
N THR A 107 14.49 -20.60 11.38
CA THR A 107 13.34 -20.98 12.24
C THR A 107 12.59 -19.72 12.68
N VAL A 108 13.31 -18.64 12.98
CA VAL A 108 12.69 -17.36 13.45
C VAL A 108 11.90 -16.77 12.29
N VAL A 109 12.58 -16.64 11.15
CA VAL A 109 12.01 -16.09 9.90
C VAL A 109 10.79 -16.93 9.49
N ALA A 110 10.95 -18.24 9.32
CA ALA A 110 9.85 -19.14 8.89
C ALA A 110 8.68 -19.05 9.86
N ASP A 111 8.95 -18.87 11.15
CA ASP A 111 7.93 -18.69 12.22
C ASP A 111 7.19 -17.38 11.98
N SER A 112 7.93 -16.30 11.69
CA SER A 112 7.36 -14.93 11.45
C SER A 112 6.44 -14.93 10.23
N LEU A 113 6.93 -15.46 9.10
CA LEU A 113 6.20 -15.52 7.81
C LEU A 113 5.01 -16.48 7.93
N SER A 114 5.13 -17.52 8.75
CA SER A 114 4.02 -18.46 9.08
C SER A 114 2.95 -17.71 9.88
N ALA A 115 3.38 -17.01 10.93
CA ALA A 115 2.51 -16.20 11.81
C ALA A 115 1.78 -15.14 10.98
N PHE A 116 2.50 -14.47 10.07
CA PHE A 116 1.93 -13.49 9.10
C PHE A 116 0.81 -14.15 8.29
N ALA A 117 1.11 -15.26 7.63
CA ALA A 117 0.19 -15.95 6.70
C ALA A 117 -1.11 -16.40 7.39
N LYS A 118 -1.11 -16.55 8.71
CA LYS A 118 -2.31 -17.07 9.41
C LYS A 118 -2.99 -15.94 10.20
N ASN A 119 -2.25 -14.87 10.52
CA ASN A 119 -2.78 -13.78 11.39
C ASN A 119 -3.10 -12.51 10.58
N ALA A 120 -2.48 -12.32 9.41
CA ALA A 120 -2.71 -11.09 8.62
C ALA A 120 -4.08 -11.14 7.94
N GLY A 121 -4.52 -10.02 7.37
CA GLY A 121 -5.79 -9.94 6.64
C GLY A 121 -5.76 -10.87 5.43
N PRO A 122 -6.87 -11.59 5.13
CA PRO A 122 -6.87 -12.58 4.05
C PRO A 122 -6.36 -11.92 2.76
N SER A 123 -6.82 -10.69 2.51
CA SER A 123 -6.43 -9.79 1.39
C SER A 123 -4.90 -9.76 1.21
N THR A 124 -4.17 -9.30 2.21
CA THR A 124 -2.70 -9.09 2.13
C THR A 124 -1.97 -10.45 2.03
N VAL A 125 -2.58 -11.54 2.51
CA VAL A 125 -1.97 -12.90 2.48
C VAL A 125 -2.00 -13.43 1.04
N VAL A 126 -3.16 -13.38 0.37
CA VAL A 126 -3.28 -13.85 -1.05
C VAL A 126 -2.42 -12.95 -1.93
N ASP A 127 -2.37 -11.64 -1.66
CA ASP A 127 -1.49 -10.68 -2.37
C ASP A 127 -0.03 -11.13 -2.32
N THR A 128 0.39 -11.77 -1.21
CA THR A 128 1.81 -12.13 -0.92
C THR A 128 2.16 -13.53 -1.46
N PHE A 129 1.27 -14.51 -1.24
CA PHE A 129 1.53 -15.95 -1.47
C PHE A 129 0.63 -16.51 -2.58
N GLY A 130 -0.23 -15.69 -3.15
CA GLY A 130 -1.22 -16.13 -4.14
C GLY A 130 -2.30 -17.00 -3.50
N GLY A 131 -2.31 -17.11 -2.17
CA GLY A 131 -3.21 -18.01 -1.43
C GLY A 131 -2.96 -17.97 0.06
N LEU A 132 -3.78 -18.70 0.84
CA LEU A 132 -3.74 -18.72 2.32
C LEU A 132 -2.80 -19.80 2.85
N ASN A 133 -2.38 -20.74 2.00
CA ASN A 133 -1.64 -21.98 2.41
C ASN A 133 -0.33 -22.10 1.62
N PRO A 134 0.65 -21.21 1.82
CA PRO A 134 2.01 -21.46 1.34
C PRO A 134 2.65 -22.58 2.17
N ALA A 135 3.72 -23.18 1.67
CA ALA A 135 4.65 -24.04 2.44
C ALA A 135 5.86 -23.20 2.83
N ILE A 136 6.15 -23.13 4.13
CA ILE A 136 7.30 -22.36 4.69
C ILE A 136 8.09 -23.33 5.58
N THR A 137 9.39 -23.47 5.33
CA THR A 137 10.26 -24.39 6.12
C THR A 137 11.67 -23.81 6.25
N ALA A 138 12.22 -24.02 7.44
CA ALA A 138 13.57 -23.58 7.87
C ALA A 138 14.53 -24.76 7.72
N ASP A 139 15.82 -24.47 7.90
CA ASP A 139 16.95 -25.44 7.90
C ASP A 139 18.17 -24.70 8.47
N ASP A 140 18.29 -24.67 9.79
CA ASP A 140 19.30 -23.88 10.53
C ASP A 140 20.71 -24.31 10.10
N ALA A 141 20.87 -25.58 9.69
CA ALA A 141 22.12 -26.16 9.13
C ALA A 141 22.43 -25.51 7.78
N ALA A 142 21.49 -25.60 6.83
CA ALA A 142 21.64 -25.09 5.45
C ALA A 142 21.57 -23.55 5.43
N GLY A 143 21.05 -22.93 6.50
CA GLY A 143 20.91 -21.47 6.64
C GLY A 143 19.83 -20.90 5.72
N THR A 144 18.88 -21.74 5.31
CA THR A 144 17.86 -21.42 4.26
C THR A 144 16.46 -21.31 4.88
N VAL A 145 15.62 -20.48 4.24
CA VAL A 145 14.13 -20.46 4.40
C VAL A 145 13.51 -20.66 3.01
N MET A 146 12.67 -21.68 2.88
CA MET A 146 12.07 -22.09 1.58
C MET A 146 10.57 -21.80 1.60
N ILE A 147 10.10 -21.00 0.65
CA ILE A 147 8.65 -20.68 0.50
C ILE A 147 8.16 -21.33 -0.78
N THR A 148 7.01 -21.98 -0.73
CA THR A 148 6.44 -22.72 -1.89
C THR A 148 4.96 -22.39 -2.01
N PRO A 149 4.62 -21.37 -2.83
CA PRO A 149 3.23 -21.02 -3.05
C PRO A 149 2.41 -22.25 -3.47
N GLU A 150 1.20 -22.38 -2.93
CA GLU A 150 0.34 -23.57 -3.20
C GLU A 150 0.05 -23.65 -4.70
N ALA A 151 0.11 -22.53 -5.42
CA ALA A 151 0.27 -22.46 -6.89
C ALA A 151 1.28 -21.38 -7.21
N PRO A 152 1.94 -21.39 -8.39
CA PRO A 152 2.96 -20.39 -8.71
C PRO A 152 2.47 -18.95 -8.48
N TRP A 153 3.33 -18.09 -7.91
CA TRP A 153 3.04 -16.67 -7.59
C TRP A 153 4.30 -15.83 -7.81
N ALA A 154 4.29 -15.00 -8.86
CA ALA A 154 5.46 -14.19 -9.30
C ALA A 154 5.65 -13.03 -8.32
N ASP A 155 4.57 -12.60 -7.66
CA ASP A 155 4.53 -11.39 -6.81
C ASP A 155 5.21 -11.67 -5.45
N LEU A 156 5.47 -12.94 -5.11
CA LEU A 156 6.03 -13.34 -3.80
C LEU A 156 7.28 -12.52 -3.50
N LEU A 157 8.29 -12.57 -4.38
CA LEU A 157 9.62 -11.94 -4.11
C LEU A 157 9.43 -10.47 -3.74
N ALA A 158 8.68 -9.70 -4.55
CA ALA A 158 8.41 -8.27 -4.35
C ALA A 158 7.63 -8.06 -3.04
N ALA A 159 6.57 -8.84 -2.84
CA ALA A 159 5.69 -8.78 -1.64
C ALA A 159 6.52 -8.84 -0.34
N LEU A 160 7.63 -9.59 -0.31
CA LEU A 160 8.48 -9.76 0.90
C LEU A 160 9.44 -8.57 1.07
N SER A 161 9.34 -7.53 0.22
CA SER A 161 10.03 -6.21 0.42
C SER A 161 9.11 -5.27 1.22
N VAL A 162 7.85 -5.65 1.42
CA VAL A 162 6.81 -4.77 2.05
C VAL A 162 6.93 -4.87 3.59
N ALA A 163 6.90 -3.70 4.25
CA ALA A 163 7.16 -3.53 5.70
C ALA A 163 6.36 -4.54 6.52
N SER A 164 5.13 -4.86 6.11
CA SER A 164 4.19 -5.74 6.86
C SER A 164 4.70 -7.19 6.91
N THR A 165 5.68 -7.55 6.07
CA THR A 165 6.28 -8.91 6.04
C THR A 165 7.53 -8.94 6.93
N GLY A 166 7.90 -7.78 7.47
CA GLY A 166 9.01 -7.64 8.42
C GLY A 166 9.00 -8.77 9.43
N ILE A 167 10.20 -9.19 9.84
CA ILE A 167 10.38 -10.38 10.73
C ILE A 167 10.06 -9.97 12.17
N VAL A 168 9.07 -10.65 12.74
CA VAL A 168 8.74 -10.56 14.20
C VAL A 168 9.51 -11.68 14.91
N CYS A 169 10.38 -11.31 15.85
CA CYS A 169 11.19 -12.25 16.68
C CYS A 169 10.27 -12.95 17.68
N PRO A 170 10.72 -14.04 18.34
CA PRO A 170 9.83 -14.85 19.19
C PRO A 170 9.11 -14.09 20.30
N ALA A 171 9.69 -12.99 20.81
CA ALA A 171 9.05 -12.16 21.86
C ALA A 171 7.70 -11.63 21.33
N GLY A 172 7.62 -11.29 20.04
CA GLY A 172 6.42 -10.68 19.43
C GLY A 172 5.32 -11.70 19.19
N LEU A 173 5.69 -12.93 18.79
CA LEU A 173 4.74 -14.03 18.47
C LEU A 173 4.03 -14.48 19.76
N ALA A 174 4.67 -14.30 20.91
CA ALA A 174 4.13 -14.66 22.25
C ALA A 174 2.98 -13.72 22.64
N ASN A 175 2.93 -12.51 22.06
CA ASN A 175 1.93 -11.46 22.40
C ASN A 175 1.58 -10.66 21.13
N LEU A 176 0.53 -11.08 20.42
CA LEU A 176 0.12 -10.44 19.14
C LEU A 176 -0.76 -9.23 19.42
N ASP A 177 -1.58 -9.28 20.47
CA ASP A 177 -2.39 -8.14 21.00
C ASP A 177 -1.43 -7.02 21.43
N GLY A 178 -0.22 -7.38 21.86
CA GLY A 178 0.82 -6.43 22.28
C GLY A 178 1.36 -5.62 21.12
N LEU A 179 1.61 -6.29 19.99
CA LEU A 179 2.25 -5.67 18.79
C LEU A 179 1.34 -4.59 18.19
N ASN A 180 0.01 -4.76 18.32
CA ASN A 180 -1.00 -3.81 17.79
C ASN A 180 -0.73 -2.38 18.27
N THR A 181 -0.40 -2.24 19.57
CA THR A 181 -0.46 -0.94 20.29
C THR A 181 0.94 -0.38 20.55
N GLY A 182 2.00 -1.19 20.37
CA GLY A 182 3.38 -0.71 20.53
C GLY A 182 4.39 -1.82 20.78
N SER A 183 5.53 -1.46 21.37
CA SER A 183 6.76 -2.30 21.39
C SER A 183 6.60 -3.42 22.42
N VAL A 184 6.72 -4.67 21.98
CA VAL A 184 6.88 -5.85 22.89
C VAL A 184 8.37 -6.17 22.96
N GLU A 185 8.94 -6.16 24.17
CA GLU A 185 10.41 -6.22 24.39
C GLU A 185 10.99 -7.44 23.68
N GLY A 186 11.97 -7.20 22.80
CA GLY A 186 12.73 -8.26 22.10
C GLY A 186 12.13 -8.65 20.76
N ALA A 187 11.02 -8.03 20.35
CA ALA A 187 10.25 -8.40 19.14
C ALA A 187 10.93 -7.86 17.88
N GLU A 188 11.54 -6.68 17.98
CA GLU A 188 12.08 -5.92 16.84
C GLU A 188 13.21 -6.72 16.18
N SER A 189 13.11 -6.93 14.86
CA SER A 189 14.23 -7.37 13.98
C SER A 189 14.85 -6.16 13.29
N GLY A 190 14.23 -4.99 13.43
CA GLY A 190 14.59 -3.77 12.68
C GLY A 190 15.49 -2.82 13.47
N PRO A 191 15.99 -1.75 12.83
CA PRO A 191 16.97 -0.86 13.43
C PRO A 191 16.49 -0.01 14.61
N TYR A 192 15.18 0.14 14.80
CA TYR A 192 14.61 1.02 15.86
C TYR A 192 13.68 0.23 16.76
N VAL A 193 13.48 0.77 17.97
CA VAL A 193 12.49 0.33 18.98
C VAL A 193 11.67 1.57 19.32
N LEU A 194 10.35 1.41 19.34
CA LEU A 194 9.40 2.47 19.78
C LEU A 194 9.54 2.61 21.30
N SER A 195 10.25 3.65 21.74
CA SER A 195 10.63 3.85 23.17
C SER A 195 9.56 4.65 23.91
N GLU A 196 8.80 5.49 23.21
CA GLU A 196 7.76 6.34 23.85
C GLU A 196 6.52 6.39 22.95
N VAL A 197 5.33 6.34 23.54
CA VAL A 197 4.06 6.36 22.77
C VAL A 197 3.06 7.29 23.44
N GLU A 198 2.52 8.24 22.67
CA GLU A 198 1.30 9.02 22.98
C GLU A 198 0.27 8.73 21.89
N PRO A 199 -0.65 7.74 22.09
CA PRO A 199 -1.53 7.25 21.03
C PRO A 199 -2.25 8.34 20.24
N GLY A 200 -2.16 8.27 18.91
CA GLY A 200 -2.77 9.23 17.97
C GLY A 200 -2.10 10.58 18.00
N VAL A 201 -0.85 10.68 18.50
CA VAL A 201 -0.16 11.99 18.69
C VAL A 201 1.31 11.88 18.26
N ARG A 202 2.09 11.01 18.93
CA ARG A 202 3.56 10.91 18.72
C ARG A 202 4.03 9.48 19.01
N TYR A 203 4.87 8.96 18.12
CA TYR A 203 5.53 7.64 18.24
C TYR A 203 7.02 7.86 18.10
N THR A 204 7.73 7.71 19.23
CA THR A 204 9.16 8.07 19.37
C THR A 204 9.97 6.80 19.21
N TYR A 205 10.79 6.75 18.17
CA TYR A 205 11.64 5.59 17.81
C TYR A 205 13.10 5.92 18.13
N GLU A 206 13.80 5.02 18.81
CA GLU A 206 15.21 5.23 19.22
C GLU A 206 16.07 4.17 18.52
N LEU A 207 17.13 4.59 17.84
CA LEU A 207 18.11 3.71 17.13
C LEU A 207 18.78 2.81 18.18
N ARG A 208 19.04 1.54 17.83
CA ARG A 208 19.65 0.56 18.77
C ARG A 208 21.12 0.38 18.43
N ASP A 209 21.96 0.37 19.48
CA ASP A 209 23.44 0.30 19.47
C ASP A 209 23.91 -1.00 18.81
N ASP A 210 23.10 -2.06 18.87
CA ASP A 210 23.55 -3.44 18.56
C ASP A 210 23.05 -3.88 17.17
N TYR A 211 22.82 -2.93 16.26
CA TYR A 211 22.28 -3.18 14.91
C TYR A 211 23.26 -2.68 13.84
N ASP A 212 23.88 -3.62 13.13
CA ASP A 212 24.51 -3.37 11.80
C ASP A 212 24.14 -4.55 10.90
N SER A 213 22.86 -4.60 10.54
CA SER A 213 22.29 -5.59 9.58
C SER A 213 21.49 -4.83 8.50
N TRP A 214 22.05 -3.72 8.04
CA TRP A 214 21.46 -2.83 6.99
C TRP A 214 21.44 -3.56 5.65
N PRO A 215 20.47 -3.23 4.76
CA PRO A 215 20.39 -3.88 3.44
C PRO A 215 21.55 -3.52 2.50
N GLU A 216 21.78 -4.39 1.52
CA GLU A 216 22.85 -4.28 0.49
C GLU A 216 22.39 -3.31 -0.59
N TRP A 217 22.21 -2.04 -0.24
CA TRP A 217 21.78 -0.97 -1.18
C TRP A 217 22.86 -0.74 -2.24
N GLU A 218 22.48 -0.88 -3.53
CA GLU A 218 23.29 -0.41 -4.68
C GLU A 218 23.46 1.11 -4.59
N THR A 219 22.37 1.83 -4.30
CA THR A 219 22.37 3.32 -4.22
C THR A 219 23.08 3.77 -2.94
N THR A 220 23.76 4.91 -3.03
CA THR A 220 24.59 5.54 -1.96
C THR A 220 23.82 6.76 -1.42
N LEU A 221 23.61 6.84 -0.10
CA LEU A 221 22.75 7.90 0.49
C LEU A 221 23.57 8.88 1.31
N GLU A 222 23.58 10.13 0.86
CA GLU A 222 24.17 11.30 1.55
C GLU A 222 23.45 11.43 2.90
N GLY A 223 24.21 11.45 3.99
CA GLY A 223 23.74 11.88 5.33
C GLY A 223 23.68 10.73 6.33
N GLU A 224 23.37 11.05 7.58
CA GLU A 224 23.47 10.12 8.74
C GLU A 224 22.12 9.50 9.08
N ILE A 225 22.10 8.19 9.35
CA ILE A 225 20.92 7.46 9.89
C ILE A 225 20.51 8.16 11.19
N PRO A 226 19.26 8.64 11.31
CA PRO A 226 18.79 9.30 12.53
C PRO A 226 18.82 8.38 13.76
N LYS A 227 19.22 8.91 14.91
CA LYS A 227 19.22 8.15 16.19
C LYS A 227 17.79 8.07 16.71
N THR A 228 17.04 9.17 16.62
CA THR A 228 15.65 9.27 17.14
C THR A 228 14.71 9.72 16.02
N ILE A 229 13.64 8.96 15.80
CA ILE A 229 12.56 9.32 14.83
C ILE A 229 11.24 9.50 15.57
N GLU A 230 10.81 10.77 15.68
CA GLU A 230 9.52 11.18 16.28
C GLU A 230 8.43 11.21 15.19
N TYR A 231 7.78 10.07 14.94
CA TYR A 231 6.61 9.99 14.01
C TYR A 231 5.44 10.73 14.67
N THR A 232 5.18 11.93 14.16
CA THR A 232 4.24 12.93 14.75
C THR A 232 2.97 12.94 13.89
N VAL A 233 1.82 12.66 14.51
CA VAL A 233 0.49 12.67 13.82
C VAL A 233 0.17 14.14 13.49
N VAL A 234 -0.03 14.44 12.20
CA VAL A 234 -0.66 15.70 11.71
C VAL A 234 -2.10 15.38 11.32
N LYS A 235 -3.03 16.23 11.74
CA LYS A 235 -4.48 15.99 11.56
C LYS A 235 -4.83 16.29 10.09
N ASP A 236 -4.26 17.33 9.48
CA ASP A 236 -4.60 17.72 8.08
C ASP A 236 -3.40 18.34 7.38
N PRO A 237 -3.45 18.47 6.02
CA PRO A 237 -2.33 19.05 5.26
C PRO A 237 -1.94 20.49 5.64
N SER A 238 -2.90 21.37 5.91
CA SER A 238 -2.65 22.78 6.33
C SER A 238 -1.77 22.77 7.58
N ALA A 239 -2.08 21.89 8.53
CA ALA A 239 -1.35 21.71 9.81
C ALA A 239 0.08 21.24 9.52
N SER A 240 0.21 20.19 8.70
CA SER A 240 1.49 19.62 8.21
C SER A 240 2.42 20.76 7.77
N ALA A 241 1.98 21.56 6.79
CA ALA A 241 2.73 22.68 6.18
C ALA A 241 3.17 23.68 7.25
N ASN A 242 2.22 24.16 8.05
CA ASN A 242 2.41 25.18 9.12
C ASN A 242 3.51 24.73 10.09
N GLN A 243 3.64 23.43 10.30
CA GLN A 243 4.56 22.85 11.32
C GLN A 243 5.94 22.57 10.69
N ILE A 244 6.03 22.43 9.37
CA ILE A 244 7.36 22.48 8.68
C ILE A 244 7.84 23.92 8.82
N LEU A 245 6.95 24.87 8.50
CA LEU A 245 7.30 26.31 8.31
C LEU A 245 7.69 26.91 9.66
N SER A 246 6.95 26.62 10.73
CA SER A 246 7.22 27.13 12.10
C SER A 246 8.23 26.25 12.84
N GLY A 247 8.71 25.16 12.25
CA GLY A 247 9.83 24.35 12.78
C GLY A 247 9.40 23.39 13.87
N GLN A 248 8.12 23.03 13.94
CA GLN A 248 7.58 21.96 14.83
C GLN A 248 7.84 20.59 14.19
N LEU A 249 7.93 20.55 12.86
CA LEU A 249 8.32 19.36 12.05
C LEU A 249 9.53 19.69 11.18
N ASP A 250 10.26 18.65 10.78
CA ASP A 250 11.44 18.72 9.89
C ASP A 250 11.07 18.17 8.51
N LEU A 251 10.15 17.22 8.47
CA LEU A 251 9.69 16.46 7.28
C LEU A 251 8.20 16.19 7.42
N GLY A 252 7.40 16.46 6.39
CA GLY A 252 5.95 16.19 6.45
C GLY A 252 5.29 16.28 5.10
N ARG A 253 4.21 15.54 4.91
CA ARG A 253 3.49 15.54 3.61
C ARG A 253 2.72 16.85 3.46
N ILE A 254 2.70 17.35 2.22
CA ILE A 254 2.15 18.66 1.78
C ILE A 254 1.09 18.38 0.71
N MET A 255 -0.03 19.10 0.73
CA MET A 255 -1.03 19.10 -0.36
C MET A 255 -0.50 19.98 -1.50
N PRO A 256 -0.78 19.64 -2.78
CA PRO A 256 -0.31 20.45 -3.91
C PRO A 256 -0.52 21.97 -3.83
N ASP A 257 -1.55 22.44 -3.14
CA ASP A 257 -1.84 23.90 -3.04
C ASP A 257 -0.73 24.58 -2.22
N SER A 258 -0.15 23.84 -1.28
CA SER A 258 0.88 24.33 -0.31
C SER A 258 2.27 24.40 -0.96
N ARG A 259 2.47 23.88 -2.17
CA ARG A 259 3.78 23.91 -2.88
C ARG A 259 4.40 25.31 -2.82
N SER A 260 3.67 26.32 -3.30
CA SER A 260 4.18 27.70 -3.54
C SER A 260 4.71 28.35 -2.24
N ARG A 261 4.38 27.78 -1.08
CA ARG A 261 4.82 28.25 0.27
C ARG A 261 6.30 27.95 0.50
N PHE A 262 6.88 27.03 -0.27
CA PHE A 262 8.26 26.50 -0.08
C PHE A 262 9.11 26.75 -1.32
N SER A 263 10.43 26.82 -1.11
CA SER A 263 11.44 26.80 -2.21
C SER A 263 11.43 25.39 -2.80
N ASP A 264 11.67 25.27 -4.12
CA ASP A 264 11.73 23.98 -4.84
C ASP A 264 12.57 22.99 -4.02
N SER A 265 13.60 23.50 -3.32
CA SER A 265 14.67 22.71 -2.67
C SER A 265 14.18 22.06 -1.35
N GLN A 266 13.08 22.55 -0.77
CA GLN A 266 12.45 21.91 0.44
C GLN A 266 11.48 20.79 0.01
N LEU A 267 11.25 20.63 -1.30
CA LEU A 267 10.24 19.67 -1.82
C LEU A 267 10.94 18.42 -2.34
N VAL A 268 10.38 17.25 -2.00
CA VAL A 268 10.75 15.94 -2.61
C VAL A 268 9.45 15.26 -3.06
N SER A 269 9.33 15.11 -4.37
CA SER A 269 8.11 14.66 -5.09
C SER A 269 8.35 13.24 -5.62
N ASN A 270 7.53 12.28 -5.22
CA ASN A 270 7.63 10.87 -5.66
C ASN A 270 6.29 10.36 -6.16
N PRO A 271 6.25 9.61 -7.29
CA PRO A 271 5.02 8.94 -7.69
C PRO A 271 4.63 7.97 -6.56
N PHE A 272 3.33 7.81 -6.29
CA PHE A 272 2.87 7.08 -5.09
C PHE A 272 1.65 6.19 -5.43
N GLY A 273 0.55 6.37 -4.71
CA GLY A 273 -0.70 5.61 -4.90
C GLY A 273 -1.21 5.69 -6.33
N ASN A 274 -1.87 4.64 -6.78
CA ASN A 274 -2.61 4.58 -8.07
C ASN A 274 -4.09 4.38 -7.75
N PHE A 275 -4.93 5.30 -8.22
CA PHE A 275 -6.32 5.50 -7.74
C PHE A 275 -7.29 4.86 -8.74
N TYR A 276 -8.27 4.12 -8.22
CA TYR A 276 -9.32 3.47 -9.05
C TYR A 276 -10.58 3.27 -8.20
N LEU A 277 -11.73 3.23 -8.85
CA LEU A 277 -13.03 2.98 -8.16
C LEU A 277 -13.11 1.51 -7.76
N VAL A 278 -13.73 1.28 -6.60
CA VAL A 278 -14.16 -0.05 -6.09
C VAL A 278 -15.64 0.07 -5.72
N PHE A 279 -16.48 -0.80 -6.27
CA PHE A 279 -17.93 -0.85 -5.95
C PHE A 279 -18.25 -2.05 -5.08
N ASN A 280 -19.16 -1.87 -4.13
CA ASN A 280 -19.80 -3.00 -3.41
C ASN A 280 -20.76 -3.63 -4.41
N GLU A 281 -20.40 -4.78 -5.00
CA GLU A 281 -21.17 -5.38 -6.13
C GLU A 281 -22.02 -6.55 -5.64
N ARG A 282 -22.05 -6.79 -4.33
CA ARG A 282 -22.73 -7.97 -3.74
C ARG A 282 -24.22 -7.88 -4.05
N GLU A 283 -24.82 -9.04 -4.35
CA GLU A 283 -26.28 -9.21 -4.54
C GLU A 283 -27.04 -8.48 -3.43
N GLY A 284 -27.93 -7.55 -3.79
CA GLY A 284 -28.73 -6.74 -2.85
C GLY A 284 -28.28 -5.29 -2.80
N ALA A 285 -26.98 -5.03 -2.97
CA ALA A 285 -26.38 -3.67 -3.03
C ALA A 285 -26.71 -3.01 -4.37
N VAL A 286 -26.71 -1.67 -4.41
CA VAL A 286 -27.13 -0.89 -5.61
C VAL A 286 -26.20 -1.20 -6.79
N PHE A 287 -24.88 -1.32 -6.55
CA PHE A 287 -23.88 -1.52 -7.64
C PHE A 287 -23.71 -3.01 -7.97
N ALA A 288 -24.60 -3.88 -7.50
CA ALA A 288 -24.75 -5.24 -8.04
C ALA A 288 -25.15 -5.10 -9.51
N ASP A 289 -26.04 -4.15 -9.77
CA ASP A 289 -26.57 -3.83 -11.12
C ASP A 289 -25.50 -3.06 -11.91
N GLU A 290 -24.99 -3.68 -12.98
CA GLU A 290 -23.91 -3.09 -13.82
C GLU A 290 -24.33 -1.72 -14.34
N LYS A 291 -25.61 -1.56 -14.68
CA LYS A 291 -26.18 -0.33 -15.30
C LYS A 291 -25.96 0.88 -14.35
N ASN A 292 -25.93 0.65 -13.04
CA ASN A 292 -25.64 1.72 -12.04
C ASN A 292 -24.15 2.06 -12.08
N ARG A 293 -23.28 1.04 -12.12
CA ARG A 293 -21.81 1.22 -12.16
C ARG A 293 -21.45 2.10 -13.36
N GLU A 294 -22.01 1.79 -14.53
CA GLU A 294 -21.73 2.55 -15.79
C GLU A 294 -22.13 4.01 -15.61
N ALA A 295 -23.29 4.26 -14.97
CA ALA A 295 -23.84 5.62 -14.72
C ALA A 295 -22.82 6.43 -13.91
N VAL A 296 -22.18 5.83 -12.91
CA VAL A 296 -21.07 6.46 -12.12
C VAL A 296 -19.92 6.79 -13.08
N ALA A 297 -19.55 5.85 -13.95
CA ALA A 297 -18.46 6.00 -14.94
C ALA A 297 -18.77 7.19 -15.85
N GLN A 298 -20.03 7.31 -16.26
CA GLN A 298 -20.56 8.38 -17.16
C GLN A 298 -20.50 9.77 -16.49
N VAL A 299 -20.35 9.83 -15.16
CA VAL A 299 -20.52 11.10 -14.39
C VAL A 299 -19.17 11.60 -13.88
N LEU A 300 -18.10 10.79 -13.97
CA LEU A 300 -16.78 11.10 -13.36
C LEU A 300 -15.83 11.60 -14.45
N ASP A 301 -15.56 12.91 -14.47
CA ASP A 301 -14.60 13.51 -15.42
C ASP A 301 -13.19 13.32 -14.85
N ARG A 302 -12.39 12.47 -15.48
CA ARG A 302 -11.07 12.07 -14.93
C ARG A 302 -10.15 13.29 -14.92
N ASP A 303 -10.36 14.24 -15.82
CA ASP A 303 -9.63 15.55 -15.84
C ASP A 303 -10.01 16.34 -14.59
N ALA A 304 -11.30 16.59 -14.38
CA ALA A 304 -11.84 17.33 -13.22
C ALA A 304 -11.37 16.65 -11.94
N PHE A 305 -11.50 15.32 -11.88
CA PHE A 305 -11.06 14.48 -10.72
C PHE A 305 -9.56 14.70 -10.46
N ASP A 306 -8.73 14.67 -11.49
CA ASP A 306 -7.28 14.96 -11.35
C ASP A 306 -7.07 16.38 -10.81
N GLN A 307 -7.73 17.39 -11.38
CA GLN A 307 -7.58 18.82 -10.98
C GLN A 307 -7.87 18.99 -9.48
N THR A 308 -8.95 18.39 -9.00
CA THR A 308 -9.42 18.52 -7.59
C THR A 308 -8.53 17.69 -6.66
N THR A 309 -7.98 16.58 -7.16
CA THR A 309 -7.21 15.60 -6.34
C THR A 309 -5.74 15.98 -6.30
N THR A 310 -5.12 16.22 -7.45
CA THR A 310 -3.63 16.39 -7.57
C THR A 310 -3.25 17.77 -8.11
N ASP A 311 -4.20 18.55 -8.64
CA ASP A 311 -3.98 19.85 -9.34
C ASP A 311 -2.86 19.72 -10.38
N GLY A 312 -2.79 18.58 -11.09
CA GLY A 312 -1.83 18.36 -12.20
C GLY A 312 -0.46 17.87 -11.73
N THR A 313 -0.26 17.63 -10.43
CA THR A 313 0.96 17.01 -9.88
C THR A 313 0.94 15.49 -10.13
N GLY A 314 -0.25 14.92 -10.33
CA GLY A 314 -0.43 13.50 -10.65
C GLY A 314 -0.40 13.26 -12.15
N GLU A 315 -0.75 12.05 -12.55
CA GLU A 315 -0.80 11.60 -13.97
C GLU A 315 -2.01 10.68 -14.13
N LEU A 316 -2.81 10.88 -15.18
CA LEU A 316 -3.90 9.93 -15.49
C LEU A 316 -3.28 8.58 -15.80
N THR A 317 -4.04 7.52 -15.55
CA THR A 317 -3.69 6.13 -15.93
C THR A 317 -4.98 5.38 -16.23
N ASP A 318 -4.94 4.51 -17.24
CA ASP A 318 -6.10 3.68 -17.65
C ASP A 318 -5.91 2.25 -17.13
N THR A 319 -5.02 2.04 -16.17
CA THR A 319 -4.69 0.70 -15.62
C THR A 319 -4.31 0.84 -14.15
N PHE A 320 -4.01 -0.30 -13.50
CA PHE A 320 -3.65 -0.41 -12.06
C PHE A 320 -2.15 -0.13 -11.88
N GLY A 321 -1.70 1.04 -12.30
CA GLY A 321 -0.30 1.48 -12.05
C GLY A 321 0.10 2.67 -12.91
N SER A 322 1.39 2.96 -12.89
CA SER A 322 2.05 3.95 -13.78
C SER A 322 2.74 3.22 -14.93
N LYS A 323 3.44 3.96 -15.79
CA LYS A 323 4.19 3.41 -16.95
C LYS A 323 5.39 2.60 -16.43
N ALA A 324 5.76 2.79 -15.18
CA ALA A 324 6.84 2.05 -14.50
C ALA A 324 6.31 0.70 -14.00
N THR A 325 5.00 0.52 -13.97
CA THR A 325 4.37 -0.76 -13.53
C THR A 325 4.57 -1.81 -14.63
N GLN A 326 4.93 -3.03 -14.24
CA GLN A 326 5.10 -4.18 -15.17
C GLN A 326 3.78 -4.41 -15.91
N CYS A 327 3.84 -4.47 -17.24
CA CYS A 327 2.74 -4.84 -18.18
C CYS A 327 1.82 -3.64 -18.48
N ALA A 328 2.09 -2.49 -17.89
CA ALA A 328 1.14 -1.36 -17.88
C ALA A 328 1.08 -0.67 -19.26
N THR A 329 2.02 -0.95 -20.16
CA THR A 329 2.00 -0.42 -21.56
C THR A 329 1.66 -1.54 -22.57
N ALA A 330 1.43 -2.78 -22.12
CA ALA A 330 1.12 -3.94 -22.99
C ALA A 330 -0.35 -3.87 -23.43
N ALA A 331 -0.63 -4.47 -24.58
CA ALA A 331 -1.95 -4.45 -25.23
C ALA A 331 -2.90 -5.43 -24.53
N PRO A 332 -4.21 -5.14 -24.47
CA PRO A 332 -4.74 -3.88 -24.98
C PRO A 332 -4.86 -2.78 -23.90
N ARG A 333 -4.99 -1.54 -24.37
CA ARG A 333 -5.42 -0.37 -23.55
C ARG A 333 -6.91 -0.50 -23.32
N PRO A 334 -7.44 -0.30 -22.08
CA PRO A 334 -8.87 -0.42 -21.85
C PRO A 334 -9.65 0.65 -22.62
N ALA A 335 -10.92 0.37 -22.90
CA ALA A 335 -11.91 1.28 -23.51
C ALA A 335 -12.74 1.89 -22.38
N LEU A 336 -12.38 3.10 -21.95
CA LEU A 336 -13.08 3.78 -20.84
C LEU A 336 -14.45 4.26 -21.34
N THR A 337 -15.42 4.27 -20.44
CA THR A 337 -16.75 4.86 -20.66
C THR A 337 -16.59 6.38 -20.85
N ALA A 338 -17.17 6.90 -21.94
CA ALA A 338 -17.29 8.35 -22.21
C ALA A 338 -18.29 8.97 -21.24
N LEU A 339 -18.02 10.21 -20.83
CA LEU A 339 -18.91 11.07 -20.00
C LEU A 339 -20.30 11.14 -20.66
N ASP A 340 -21.36 10.83 -19.92
CA ASP A 340 -22.77 10.99 -20.38
C ASP A 340 -23.65 11.34 -19.17
N GLU A 341 -23.67 12.62 -18.82
CA GLU A 341 -24.32 13.17 -17.60
C GLU A 341 -25.84 13.09 -17.73
N SER A 342 -26.37 13.09 -18.96
CA SER A 342 -27.82 12.93 -19.28
C SER A 342 -28.29 11.50 -18.95
N ALA A 343 -27.59 10.51 -19.51
CA ALA A 343 -27.86 9.06 -19.34
C ALA A 343 -27.68 8.66 -17.87
N ALA A 344 -26.76 9.31 -17.17
CA ALA A 344 -26.46 9.05 -15.73
C ALA A 344 -27.59 9.62 -14.86
N ALA A 345 -28.18 10.76 -15.26
CA ALA A 345 -29.27 11.42 -14.51
C ALA A 345 -30.51 10.51 -14.51
N GLU A 346 -30.84 9.93 -15.66
CA GLU A 346 -31.97 8.98 -15.79
C GLU A 346 -31.75 7.77 -14.88
N THR A 347 -30.52 7.26 -14.83
CA THR A 347 -30.17 5.99 -14.15
C THR A 347 -30.10 6.16 -12.64
N LEU A 348 -29.52 7.26 -12.14
CA LEU A 348 -29.16 7.39 -10.70
C LEU A 348 -30.20 8.22 -9.93
N ALA A 349 -31.23 8.71 -10.61
CA ALA A 349 -32.37 9.43 -9.99
C ALA A 349 -32.84 8.69 -8.73
N GLY A 350 -32.70 9.33 -7.56
CA GLY A 350 -33.12 8.81 -6.25
C GLY A 350 -32.32 7.59 -5.78
N VAL A 351 -31.26 7.18 -6.50
CA VAL A 351 -30.47 5.96 -6.15
C VAL A 351 -29.63 6.32 -4.92
N LYS A 352 -29.65 5.47 -3.89
CA LYS A 352 -28.92 5.69 -2.62
C LYS A 352 -27.53 5.10 -2.75
N ILE A 353 -26.52 5.96 -2.59
CA ILE A 353 -25.08 5.59 -2.69
C ILE A 353 -24.42 5.99 -1.38
N ARG A 354 -23.86 5.01 -0.68
CA ARG A 354 -22.97 5.21 0.49
C ARG A 354 -21.55 5.38 -0.04
N LEU A 355 -21.11 6.62 -0.22
CA LEU A 355 -19.76 6.95 -0.76
C LEU A 355 -18.77 6.98 0.41
N LEU A 356 -17.83 6.04 0.47
CA LEU A 356 -16.74 6.03 1.48
C LEU A 356 -15.50 6.70 0.88
N GLY A 357 -14.88 7.61 1.64
CA GLY A 357 -13.74 8.41 1.18
C GLY A 357 -12.54 8.30 2.10
N ALA A 358 -11.36 8.16 1.52
CA ALA A 358 -10.04 8.32 2.20
C ALA A 358 -9.60 9.77 2.05
N GLN A 359 -9.08 10.36 3.13
CA GLN A 359 -8.68 11.79 3.19
C GLN A 359 -7.35 12.01 2.43
N VAL A 360 -6.70 10.96 1.96
CA VAL A 360 -5.48 11.05 1.10
C VAL A 360 -5.90 11.37 -0.34
N VAL A 361 -7.15 11.11 -0.71
CA VAL A 361 -7.64 11.32 -2.10
C VAL A 361 -7.86 12.82 -2.31
N GLY A 362 -6.77 13.55 -2.52
CA GLY A 362 -6.72 15.02 -2.54
C GLY A 362 -6.68 15.57 -1.13
N ALA A 363 -6.33 16.85 -0.96
CA ALA A 363 -6.31 17.52 0.36
C ALA A 363 -7.67 17.30 1.04
N ALA A 364 -7.65 16.63 2.19
CA ALA A 364 -8.84 16.42 3.06
C ALA A 364 -9.93 15.61 2.35
N GLY A 365 -9.56 14.83 1.33
CA GLY A 365 -10.49 13.98 0.56
C GLY A 365 -11.28 14.75 -0.47
N ALA A 366 -10.73 15.84 -0.99
CA ALA A 366 -11.38 16.73 -1.98
C ALA A 366 -11.84 15.96 -3.22
N GLY A 367 -11.09 14.94 -3.63
CA GLY A 367 -11.46 14.08 -4.78
C GLY A 367 -12.75 13.34 -4.52
N ASN A 368 -12.93 12.85 -3.29
CA ASN A 368 -14.18 12.19 -2.83
C ASN A 368 -15.32 13.20 -2.90
N THR A 369 -15.06 14.44 -2.49
CA THR A 369 -16.06 15.53 -2.51
C THR A 369 -16.52 15.73 -3.96
N TYR A 370 -15.58 15.91 -4.89
CA TYR A 370 -15.85 16.06 -6.34
C TYR A 370 -16.78 14.93 -6.81
N LEU A 371 -16.46 13.68 -6.44
CA LEU A 371 -17.23 12.49 -6.89
C LEU A 371 -18.65 12.55 -6.35
N GLU A 372 -18.83 12.88 -5.06
CA GLU A 372 -20.15 13.03 -4.41
C GLU A 372 -20.98 14.05 -5.20
N ALA A 373 -20.37 15.20 -5.48
CA ALA A 373 -21.01 16.35 -6.17
C ALA A 373 -21.47 15.94 -7.57
N ALA A 374 -20.68 15.16 -8.31
CA ALA A 374 -21.00 14.74 -9.69
C ALA A 374 -22.11 13.68 -9.68
N LEU A 375 -22.22 12.91 -8.59
CA LEU A 375 -23.32 11.94 -8.33
C LEU A 375 -24.59 12.69 -7.91
N ARG A 376 -24.43 13.73 -7.08
CA ARG A 376 -25.56 14.57 -6.57
C ARG A 376 -26.26 15.22 -7.77
N GLU A 377 -25.52 15.83 -8.69
CA GLU A 377 -26.10 16.55 -9.87
C GLU A 377 -26.63 15.55 -10.90
N ALA A 378 -26.41 14.24 -10.70
CA ALA A 378 -27.10 13.17 -11.48
C ALA A 378 -28.36 12.69 -10.74
N GLY A 379 -28.66 13.30 -9.58
CA GLY A 379 -29.91 13.06 -8.83
C GLY A 379 -29.85 11.86 -7.91
N ALA A 380 -28.64 11.37 -7.60
CA ALA A 380 -28.41 10.27 -6.63
C ALA A 380 -28.55 10.81 -5.19
N ASP A 381 -29.13 10.01 -4.30
CA ASP A 381 -29.16 10.28 -2.83
C ASP A 381 -27.83 9.79 -2.23
N VAL A 382 -26.83 10.69 -2.18
CA VAL A 382 -25.42 10.39 -1.80
C VAL A 382 -25.16 10.83 -0.36
N THR A 383 -24.58 9.95 0.44
CA THR A 383 -23.99 10.27 1.77
C THR A 383 -22.51 9.88 1.76
N LEU A 384 -21.64 10.90 1.80
CA LEU A 384 -20.16 10.78 1.82
C LEU A 384 -19.65 10.72 3.26
N GLU A 385 -18.85 9.70 3.60
CA GLU A 385 -18.02 9.68 4.83
C GLU A 385 -16.54 9.83 4.44
N ASN A 386 -16.00 11.04 4.59
CA ASN A 386 -14.58 11.37 4.36
C ASN A 386 -13.85 11.12 5.67
N VAL A 387 -13.09 10.03 5.76
CA VAL A 387 -12.40 9.59 7.01
C VAL A 387 -10.89 9.52 6.76
N ASP A 388 -10.09 9.49 7.84
CA ASP A 388 -8.62 9.34 7.78
C ASP A 388 -8.30 7.98 7.14
N ILE A 389 -7.08 7.82 6.65
CA ILE A 389 -6.64 6.62 5.90
C ILE A 389 -6.80 5.38 6.78
N GLY A 390 -6.54 5.49 8.08
CA GLY A 390 -6.59 4.37 9.04
C GLY A 390 -8.00 3.85 9.20
N THR A 391 -8.96 4.77 9.37
CA THR A 391 -10.39 4.43 9.57
C THR A 391 -10.92 3.87 8.26
N TRP A 392 -10.57 4.52 7.14
CA TRP A 392 -10.97 4.07 5.78
C TRP A 392 -10.61 2.60 5.62
N ALA A 393 -9.38 2.24 5.98
CA ALA A 393 -8.77 0.91 5.72
C ALA A 393 -9.49 -0.17 6.55
N GLY A 394 -9.79 0.14 7.82
CA GLY A 394 -10.59 -0.75 8.68
C GLY A 394 -11.94 -1.04 8.04
N ARG A 395 -12.60 0.00 7.54
CA ARG A 395 -13.94 -0.10 6.89
C ARG A 395 -13.85 -1.03 5.67
N VAL A 396 -12.92 -0.77 4.75
CA VAL A 396 -12.84 -1.46 3.43
C VAL A 396 -12.51 -2.95 3.62
N PHE A 397 -11.56 -3.26 4.50
CA PHE A 397 -11.01 -4.62 4.70
C PHE A 397 -11.70 -5.35 5.85
N GLY A 398 -12.33 -4.60 6.76
CA GLY A 398 -13.01 -5.15 7.96
C GLY A 398 -14.51 -5.28 7.78
N GLN A 399 -15.15 -4.29 7.14
CA GLN A 399 -16.63 -4.27 6.92
C GLN A 399 -16.92 -3.87 5.47
N PRO A 400 -16.66 -4.78 4.50
CA PRO A 400 -16.87 -4.50 3.07
C PRO A 400 -18.32 -4.21 2.66
N GLU A 401 -19.29 -4.66 3.46
CA GLU A 401 -20.75 -4.46 3.22
C GLU A 401 -21.22 -3.08 3.72
N SER A 402 -20.33 -2.28 4.33
CA SER A 402 -20.68 -1.02 5.05
C SER A 402 -20.70 0.20 4.14
N TYR A 403 -20.47 0.02 2.85
CA TYR A 403 -20.38 1.13 1.85
C TYR A 403 -20.71 0.57 0.47
N ASP A 404 -20.98 1.46 -0.50
CA ASP A 404 -21.37 1.09 -1.88
C ASP A 404 -20.24 1.39 -2.88
N LEU A 405 -19.54 2.49 -2.67
CA LEU A 405 -18.51 3.00 -3.61
C LEU A 405 -17.42 3.71 -2.81
N THR A 406 -16.17 3.57 -3.24
CA THR A 406 -15.02 4.37 -2.73
C THR A 406 -14.06 4.64 -3.88
N VAL A 407 -13.27 5.71 -3.79
CA VAL A 407 -12.03 5.83 -4.59
C VAL A 407 -10.93 5.12 -3.79
N PHE A 408 -10.44 4.02 -4.35
CA PHE A 408 -9.40 3.16 -3.72
C PHE A 408 -8.03 3.72 -4.07
N PRO A 409 -7.24 4.23 -3.09
CA PRO A 409 -5.89 4.71 -3.36
C PRO A 409 -4.92 3.56 -3.12
N ASP A 410 -4.68 2.74 -4.14
CA ASP A 410 -3.92 1.47 -4.01
C ASP A 410 -2.43 1.83 -3.86
N LEU A 411 -1.72 1.06 -3.04
CA LEU A 411 -0.24 1.06 -2.98
C LEU A 411 0.25 -0.20 -3.70
N ASN A 412 0.65 -0.03 -4.97
CA ASN A 412 1.16 -1.13 -5.82
C ASN A 412 2.59 -1.49 -5.36
N PHE A 413 2.69 -2.32 -4.33
CA PHE A 413 3.95 -2.72 -3.66
C PHE A 413 4.76 -3.65 -4.57
N THR A 414 4.07 -4.50 -5.33
CA THR A 414 4.70 -5.52 -6.19
C THR A 414 5.09 -4.93 -7.55
N GLY A 415 4.55 -3.77 -7.90
CA GLY A 415 4.86 -3.09 -9.17
C GLY A 415 4.39 -3.89 -10.38
N THR A 416 3.28 -4.60 -10.23
CA THR A 416 2.59 -5.35 -11.31
C THR A 416 1.11 -4.96 -11.35
N LEU A 417 0.38 -5.44 -12.35
CA LEU A 417 -1.09 -5.16 -12.47
C LEU A 417 -1.86 -6.09 -11.55
N THR A 418 -1.21 -7.17 -11.07
CA THR A 418 -1.80 -8.20 -10.16
C THR A 418 -2.42 -7.53 -8.92
N SER A 419 -1.70 -6.59 -8.30
CA SER A 419 -2.20 -5.81 -7.13
C SER A 419 -3.68 -5.50 -7.34
N GLY A 420 -3.98 -4.76 -8.42
CA GLY A 420 -5.31 -4.18 -8.71
C GLY A 420 -6.33 -5.21 -9.19
N ILE A 421 -5.92 -6.18 -10.02
CA ILE A 421 -6.83 -7.26 -10.54
C ILE A 421 -7.34 -8.08 -9.36
N SER A 422 -6.47 -8.44 -8.41
CA SER A 422 -6.80 -9.24 -7.20
C SER A 422 -8.05 -8.67 -6.50
N ARG A 423 -8.23 -7.33 -6.52
CA ARG A 423 -9.29 -6.62 -5.75
C ARG A 423 -10.68 -6.94 -6.31
N PHE A 424 -10.74 -7.49 -7.52
CA PHE A 424 -12.01 -7.70 -8.26
C PHE A 424 -12.25 -9.17 -8.60
N THR A 425 -11.30 -10.06 -8.30
CA THR A 425 -11.36 -11.49 -8.74
C THR A 425 -11.20 -12.46 -7.56
N GLY A 426 -11.50 -13.74 -7.83
CA GLY A 426 -11.36 -14.85 -6.87
C GLY A 426 -12.51 -14.83 -5.86
N PRO A 427 -12.40 -15.59 -4.74
CA PRO A 427 -13.42 -15.56 -3.71
C PRO A 427 -13.49 -14.17 -3.05
N ASP A 428 -14.68 -13.82 -2.57
CA ASP A 428 -14.94 -12.56 -1.81
C ASP A 428 -14.00 -12.50 -0.60
N LEU A 429 -13.79 -11.29 -0.09
CA LEU A 429 -13.08 -11.01 1.19
C LEU A 429 -13.81 -11.72 2.34
N LEU A 430 -15.15 -11.68 2.31
CA LEU A 430 -16.04 -12.36 3.29
C LEU A 430 -15.70 -13.85 3.37
N GLN A 431 -15.23 -14.47 2.29
CA GLN A 431 -14.86 -15.92 2.24
C GLN A 431 -13.34 -16.10 2.41
N ASN A 432 -12.66 -15.14 3.05
CA ASN A 432 -11.18 -15.10 3.24
C ASN A 432 -10.46 -15.06 1.88
N GLY A 433 -11.08 -14.44 0.87
CA GLY A 433 -10.43 -14.16 -0.43
C GLY A 433 -9.85 -12.75 -0.46
N GLY A 434 -9.37 -12.32 -1.63
CA GLY A 434 -8.81 -10.97 -1.84
C GLY A 434 -9.82 -10.03 -2.46
N ASN A 435 -11.02 -10.53 -2.77
CA ASN A 435 -12.00 -9.84 -3.66
C ASN A 435 -12.81 -8.84 -2.84
N ILE A 436 -12.21 -7.67 -2.61
CA ILE A 436 -12.71 -6.47 -1.89
C ILE A 436 -14.13 -6.07 -2.32
N SER A 437 -14.43 -6.11 -3.62
CA SER A 437 -15.64 -5.53 -4.23
C SER A 437 -16.78 -6.56 -4.31
N GLY A 438 -16.45 -7.85 -4.12
CA GLY A 438 -17.41 -8.97 -4.27
C GLY A 438 -17.85 -9.14 -5.71
N ALA A 439 -17.11 -8.55 -6.65
CA ALA A 439 -17.40 -8.60 -8.10
C ALA A 439 -17.24 -10.04 -8.60
N VAL A 440 -18.15 -10.50 -9.46
CA VAL A 440 -18.03 -11.79 -10.19
C VAL A 440 -17.88 -11.48 -11.69
N SER A 441 -16.64 -11.43 -12.19
CA SER A 441 -16.32 -11.31 -13.64
C SER A 441 -15.73 -12.63 -14.14
N GLU A 442 -16.52 -13.42 -14.87
CA GLU A 442 -16.07 -14.76 -15.30
C GLU A 442 -14.85 -14.60 -16.20
N THR A 443 -14.85 -13.61 -17.09
CA THR A 443 -13.72 -13.28 -18.00
C THR A 443 -12.47 -12.94 -17.20
N ALA A 444 -12.58 -12.02 -16.23
CA ALA A 444 -11.45 -11.47 -15.44
C ALA A 444 -10.88 -12.57 -14.54
N ASN A 445 -11.75 -13.41 -13.97
CA ASN A 445 -11.41 -14.57 -13.09
C ASN A 445 -10.57 -15.58 -13.88
N ALA A 446 -11.00 -15.87 -15.11
CA ALA A 446 -10.30 -16.80 -16.02
C ALA A 446 -8.93 -16.20 -16.38
N LEU A 447 -8.90 -14.90 -16.71
CA LEU A 447 -7.66 -14.20 -17.14
C LEU A 447 -6.67 -14.07 -15.97
N ALA A 448 -7.17 -13.97 -14.73
CA ALA A 448 -6.34 -14.02 -13.51
C ALA A 448 -5.67 -15.39 -13.43
N GLN A 449 -6.40 -16.47 -13.73
CA GLN A 449 -5.87 -17.86 -13.65
C GLN A 449 -4.86 -18.09 -14.76
N GLN A 450 -5.10 -17.65 -16.01
CA GLN A 450 -4.11 -17.93 -17.10
C GLN A 450 -2.87 -17.04 -16.93
N ALA A 451 -2.96 -15.93 -16.17
CA ALA A 451 -1.78 -15.14 -15.75
C ALA A 451 -0.85 -16.01 -14.91
N ARG A 452 -1.42 -16.93 -14.10
CA ARG A 452 -0.65 -17.84 -13.21
C ARG A 452 -0.05 -19.01 -14.03
N THR A 453 -0.78 -19.53 -15.02
CA THR A 453 -0.34 -20.66 -15.89
C THR A 453 0.57 -20.14 -17.03
N ALA A 454 1.04 -18.89 -16.97
CA ALA A 454 1.69 -18.19 -18.10
C ALA A 454 3.13 -18.68 -18.27
N THR A 455 3.46 -19.15 -19.48
CA THR A 455 4.78 -19.75 -19.85
C THR A 455 5.86 -18.67 -19.91
N THR A 456 5.51 -17.49 -20.40
CA THR A 456 6.45 -16.36 -20.66
C THR A 456 5.96 -15.07 -20.01
N PRO A 457 6.85 -14.09 -19.77
CA PRO A 457 6.43 -12.75 -19.37
C PRO A 457 5.39 -12.08 -20.30
N GLU A 458 5.50 -12.31 -21.62
CA GLU A 458 4.61 -11.68 -22.64
C GLU A 458 3.17 -12.20 -22.48
N GLN A 459 3.00 -13.51 -22.31
CA GLN A 459 1.67 -14.14 -22.11
C GLN A 459 1.08 -13.62 -20.80
N LYS A 460 1.91 -13.53 -19.76
CA LYS A 460 1.56 -12.94 -18.44
C LYS A 460 1.00 -11.52 -18.65
N CYS A 461 1.75 -10.64 -19.32
CA CYS A 461 1.30 -9.24 -19.62
C CYS A 461 -0.01 -9.26 -20.42
N ALA A 462 -0.09 -10.10 -21.44
CA ALA A 462 -1.28 -10.25 -22.31
C ALA A 462 -2.49 -10.62 -21.44
N ALA A 463 -2.35 -11.62 -20.55
CA ALA A 463 -3.40 -12.01 -19.58
C ALA A 463 -3.80 -10.81 -18.71
N ASP A 464 -2.80 -10.15 -18.11
CA ASP A 464 -3.00 -9.06 -17.12
C ASP A 464 -3.72 -7.88 -17.78
N ALA A 465 -3.19 -7.39 -18.91
CA ALA A 465 -3.74 -6.26 -19.69
C ALA A 465 -5.19 -6.54 -20.11
N GLU A 466 -5.49 -7.78 -20.50
CA GLU A 466 -6.85 -8.21 -20.91
C GLU A 466 -7.78 -8.24 -19.69
N ALA A 467 -7.29 -8.71 -18.55
CA ALA A 467 -8.04 -8.75 -17.27
C ALA A 467 -8.50 -7.33 -16.91
N VAL A 468 -7.60 -6.33 -17.02
CA VAL A 468 -7.90 -4.91 -16.68
C VAL A 468 -8.93 -4.38 -17.68
N ALA A 469 -8.73 -4.65 -18.96
CA ALA A 469 -9.66 -4.21 -20.04
C ALA A 469 -11.05 -4.78 -19.77
N ALA A 470 -11.14 -6.07 -19.42
CA ALA A 470 -12.40 -6.76 -19.08
C ALA A 470 -13.08 -6.01 -17.94
N LEU A 471 -12.37 -5.85 -16.82
CA LEU A 471 -12.88 -5.17 -15.59
C LEU A 471 -13.38 -3.77 -15.92
N VAL A 472 -12.68 -3.03 -16.79
CA VAL A 472 -13.10 -1.65 -17.20
C VAL A 472 -14.36 -1.76 -18.08
N ALA A 473 -14.39 -2.70 -19.02
CA ALA A 473 -15.52 -2.89 -19.97
C ALA A 473 -16.82 -3.27 -19.21
N GLU A 474 -16.70 -4.08 -18.14
CA GLU A 474 -17.86 -4.58 -17.35
C GLU A 474 -18.19 -3.62 -16.20
N HIS A 475 -17.53 -2.45 -16.18
CA HIS A 475 -17.74 -1.35 -15.20
C HIS A 475 -17.51 -1.87 -13.77
N HIS A 476 -16.46 -2.66 -13.56
CA HIS A 476 -16.05 -3.14 -12.22
C HIS A 476 -15.16 -2.09 -11.53
N THR A 477 -14.52 -1.24 -12.33
CA THR A 477 -13.71 -0.09 -11.86
C THR A 477 -13.68 0.96 -12.95
N VAL A 478 -13.22 2.16 -12.58
CA VAL A 478 -12.69 3.20 -13.51
C VAL A 478 -11.29 3.55 -13.04
N PRO A 479 -10.23 3.29 -13.84
CA PRO A 479 -8.88 3.70 -13.47
C PRO A 479 -8.73 5.23 -13.59
N LEU A 480 -8.19 5.87 -12.56
CA LEU A 480 -8.24 7.35 -12.40
C LEU A 480 -6.86 7.96 -12.62
N LEU A 481 -5.95 7.86 -11.65
CA LEU A 481 -4.63 8.52 -11.76
C LEU A 481 -3.59 7.89 -10.84
N VAL A 482 -2.33 8.24 -11.09
CA VAL A 482 -1.20 8.04 -10.14
C VAL A 482 -0.92 9.41 -9.50
N GLU A 483 -0.96 9.47 -8.18
CA GLU A 483 -0.73 10.71 -7.40
C GLU A 483 0.77 10.91 -7.17
N SER A 484 1.13 12.08 -6.67
CA SER A 484 2.50 12.41 -6.21
C SER A 484 2.45 12.60 -4.68
N PHE A 485 3.38 11.95 -3.98
CA PHE A 485 3.60 12.15 -2.53
C PHE A 485 4.65 13.26 -2.39
N ILE A 486 4.22 14.43 -1.94
CA ILE A 486 5.08 15.63 -1.81
C ILE A 486 5.48 15.76 -0.34
N TYR A 487 6.74 15.44 -0.06
CA TYR A 487 7.44 15.80 1.21
C TYR A 487 7.99 17.23 1.12
N ALA A 488 7.63 18.06 2.11
CA ALA A 488 8.28 19.37 2.39
C ALA A 488 9.18 19.22 3.62
N LYS A 489 10.40 19.73 3.54
CA LYS A 489 11.48 19.45 4.53
C LYS A 489 12.28 20.71 4.82
N ARG A 490 12.78 20.80 6.06
CA ARG A 490 13.66 21.88 6.55
C ARG A 490 15.11 21.60 6.13
N ASP A 491 15.95 22.65 6.12
CA ASP A 491 17.41 22.54 5.89
C ASP A 491 17.98 21.43 6.79
N GLY A 492 18.96 20.69 6.28
CA GLY A 492 19.67 19.66 7.06
C GLY A 492 19.02 18.30 6.94
N PHE A 493 17.78 18.26 6.45
CA PHE A 493 16.96 17.02 6.35
C PHE A 493 16.77 16.64 4.87
N SER A 494 17.00 15.37 4.55
CA SER A 494 16.67 14.74 3.24
C SER A 494 15.64 13.62 3.45
N VAL A 495 15.14 13.07 2.34
CA VAL A 495 14.22 11.90 2.32
C VAL A 495 14.23 11.33 0.90
N THR A 496 14.49 10.04 0.78
CA THR A 496 14.61 9.36 -0.54
C THR A 496 13.68 8.15 -0.58
N MET A 497 13.06 7.91 -1.73
CA MET A 497 12.28 6.68 -2.02
C MET A 497 12.94 5.98 -3.20
N LEU A 498 13.54 4.82 -2.95
CA LEU A 498 14.40 4.10 -3.93
C LEU A 498 13.60 3.01 -4.63
N GLY A 499 13.74 2.91 -5.95
CA GLY A 499 13.19 1.82 -6.78
C GLY A 499 11.67 1.83 -6.79
N GLY A 500 11.06 3.02 -6.73
CA GLY A 500 9.60 3.21 -6.78
C GLY A 500 8.91 2.76 -5.50
N SER A 501 9.67 2.60 -4.41
CA SER A 501 9.16 2.12 -3.09
C SER A 501 8.12 3.10 -2.56
N LEU A 502 7.22 2.59 -1.71
CA LEU A 502 6.08 3.35 -1.14
C LEU A 502 6.20 3.44 0.39
N ASP A 503 6.66 2.38 1.08
CA ASP A 503 6.68 2.28 2.57
C ASP A 503 8.11 2.21 3.11
N ASP A 504 9.09 2.78 2.40
CA ASP A 504 10.52 2.67 2.76
C ASP A 504 11.15 4.06 2.65
N HIS A 505 10.58 5.03 3.36
CA HIS A 505 11.03 6.45 3.35
C HIS A 505 12.35 6.53 4.12
N LEU A 506 13.45 6.75 3.39
CA LEU A 506 14.83 6.83 3.94
C LEU A 506 15.09 8.28 4.36
N PHE A 507 14.94 8.54 5.66
CA PHE A 507 15.22 9.83 6.33
C PHE A 507 16.71 9.91 6.64
N ARG A 508 17.31 11.08 6.43
CA ARG A 508 18.75 11.31 6.68
C ARG A 508 18.93 12.70 7.27
N ILE A 509 19.90 12.88 8.16
CA ILE A 509 20.24 14.23 8.67
C ILE A 509 21.53 14.67 7.97
N THR A 510 21.46 15.83 7.33
CA THR A 510 22.52 16.41 6.47
C THR A 510 23.50 17.23 7.34
#